data_4KOY
#
_entry.id   4KOY
#
_cell.length_a   58.000
_cell.length_b   76.059
_cell.length_c   39.303
_cell.angle_alpha   90.00
_cell.angle_beta   90.00
_cell.angle_gamma   90.00
#
_symmetry.space_group_name_H-M   'P 21 21 2'
#
loop_
_entity.id
_entity.type
_entity.pdbx_description
1 polymer 'Uncharacterized protein'
2 non-polymer 'SULFATE ION'
3 non-polymer 1,2-ETHANEDIOL
4 non-polymer 4-(3-ACETOXYMETHYL-2-CARBOXY-8-OXO-5-THIA-1-AZA-BICYCLO[4.2.0]OCT-2-EN-7-YLCARBAMOYL)-1-CARBOXY-BUTYL-AMMONIUM
5 non-polymer 'ZINC ION'
6 water water
#
_entity_poly.entity_id   1
_entity_poly.type   'polypeptide(L)'
_entity_poly.pdbx_seq_one_letter_code
;GHMQLSHRPAETGDLETVAGFPQDRDELFYCYPKAIWPFSVAQLAAAIAERRGSTVAVHDGQVLGFANFYQWQHGDFCAL
GNMMVAPAARGLGVARYLIGVMENLAREQYKARLMKISCFNANAAGLLLYTQLGYQPRAIAERHDPDGRRVALIQMDKPL
EP
;
_entity_poly.pdbx_strand_id   A
#
# COMPACT_ATOMS: atom_id res chain seq x y z
N MET A 3 14.29 12.05 9.95
CA MET A 3 13.83 10.64 9.82
C MET A 3 14.40 10.02 8.54
N GLN A 4 15.66 9.60 8.57
CA GLN A 4 16.32 9.03 7.37
C GLN A 4 15.78 7.63 7.06
N LEU A 5 15.50 7.41 5.78
CA LEU A 5 14.89 6.19 5.31
C LEU A 5 15.62 5.72 4.05
N SER A 6 15.69 4.39 3.89
CA SER A 6 16.17 3.75 2.70
C SER A 6 15.14 2.70 2.30
N HIS A 7 15.36 2.09 1.15
CA HIS A 7 14.46 1.05 0.69
CA HIS A 7 14.46 1.06 0.67
C HIS A 7 15.20 -0.07 -0.03
N ARG A 8 14.55 -1.21 -0.15
CA ARG A 8 15.06 -2.37 -0.89
C ARG A 8 13.93 -3.31 -1.15
N PRO A 9 14.09 -4.25 -2.08
CA PRO A 9 13.04 -5.26 -2.26
C PRO A 9 12.81 -6.05 -0.96
N ALA A 10 11.59 -6.44 -0.75
CA ALA A 10 11.22 -7.24 0.39
C ALA A 10 11.88 -8.60 0.25
N GLU A 11 12.23 -9.17 1.40
CA GLU A 11 12.94 -10.45 1.53
C GLU A 11 12.15 -11.35 2.45
N THR A 12 12.38 -12.66 2.32
CA THR A 12 11.76 -13.66 3.24
C THR A 12 11.90 -13.28 4.69
N GLY A 13 13.07 -12.82 5.06
CA GLY A 13 13.31 -12.48 6.43
C GLY A 13 12.51 -11.32 6.95
N ASP A 14 12.01 -10.46 6.06
CA ASP A 14 11.14 -9.38 6.45
C ASP A 14 9.71 -9.81 6.76
N LEU A 15 9.25 -10.98 6.34
N LEU A 15 9.25 -10.97 6.35
CA LEU A 15 7.83 -11.25 6.35
CA LEU A 15 7.84 -11.23 6.36
C LEU A 15 7.23 -11.23 7.74
C LEU A 15 7.22 -11.23 7.75
N GLU A 16 7.93 -11.80 8.71
CA GLU A 16 7.34 -11.83 10.06
C GLU A 16 7.15 -10.43 10.62
N THR A 17 8.09 -9.55 10.36
CA THR A 17 8.02 -8.16 10.80
C THR A 17 6.84 -7.48 10.14
N VAL A 18 6.78 -7.53 8.79
CA VAL A 18 5.71 -6.85 8.12
C VAL A 18 4.32 -7.36 8.45
N ALA A 19 4.23 -8.68 8.62
CA ALA A 19 2.93 -9.28 8.97
C ALA A 19 2.46 -8.87 10.42
N GLY A 20 3.39 -8.33 11.21
CA GLY A 20 3.10 -7.72 12.47
C GLY A 20 2.50 -6.35 12.38
N PHE A 21 2.52 -5.69 11.21
CA PHE A 21 2.10 -4.31 11.14
C PHE A 21 0.62 -4.06 11.39
N PRO A 22 -0.31 -4.77 10.74
CA PRO A 22 -1.73 -4.47 10.99
C PRO A 22 -2.14 -4.79 12.42
N GLN A 23 -2.74 -3.83 13.06
CA GLN A 23 -3.02 -3.96 14.51
C GLN A 23 -4.40 -4.37 14.82
N ASP A 24 -5.28 -4.41 13.87
CA ASP A 24 -6.67 -4.82 14.07
C ASP A 24 -7.33 -5.14 12.74
N ARG A 25 -8.52 -5.72 12.73
CA ARG A 25 -9.21 -6.14 11.55
C ARG A 25 -9.43 -4.99 10.61
N ASP A 26 -9.67 -3.80 11.10
CA ASP A 26 -9.86 -2.64 10.25
C ASP A 26 -8.59 -2.35 9.50
N GLU A 27 -7.47 -2.23 10.18
CA GLU A 27 -6.21 -1.94 9.52
C GLU A 27 -5.88 -3.00 8.48
N LEU A 28 -6.11 -4.28 8.75
CA LEU A 28 -5.87 -5.31 7.78
C LEU A 28 -6.78 -5.16 6.58
N PHE A 29 -8.05 -4.88 6.82
CA PHE A 29 -8.99 -4.64 5.72
C PHE A 29 -8.56 -3.49 4.82
N TYR A 30 -8.09 -2.39 5.40
CA TYR A 30 -7.73 -1.21 4.61
C TYR A 30 -6.59 -1.48 3.68
N CYS A 31 -5.63 -2.31 4.05
CA CYS A 31 -4.44 -2.54 3.25
C CYS A 31 -4.44 -3.85 2.50
N TYR A 32 -5.35 -4.73 2.75
CA TYR A 32 -5.38 -6.05 2.16
C TYR A 32 -6.78 -6.62 2.34
N PRO A 33 -7.78 -6.12 1.66
CA PRO A 33 -9.13 -6.55 1.97
C PRO A 33 -9.44 -8.03 1.73
N LYS A 34 -8.67 -8.73 0.88
CA LYS A 34 -8.88 -10.17 0.63
C LYS A 34 -8.32 -10.99 1.82
N ALA A 35 -7.44 -10.43 2.64
CA ALA A 35 -6.91 -11.19 3.79
C ALA A 35 -7.98 -11.42 4.83
N ILE A 36 -7.68 -12.44 5.68
N ILE A 36 -7.72 -12.44 5.66
CA ILE A 36 -8.56 -12.85 6.78
CA ILE A 36 -8.60 -12.76 6.78
C ILE A 36 -7.80 -12.65 8.07
C ILE A 36 -7.81 -12.65 8.05
N TRP A 37 -8.41 -12.00 9.04
CA TRP A 37 -7.80 -11.85 10.36
C TRP A 37 -7.84 -13.18 11.12
N PRO A 38 -6.78 -13.58 11.77
CA PRO A 38 -5.47 -12.87 11.94
C PRO A 38 -4.56 -13.00 10.74
N PHE A 39 -3.83 -11.94 10.52
CA PHE A 39 -2.86 -11.94 9.42
C PHE A 39 -1.75 -12.93 9.74
N SER A 40 -1.03 -13.33 8.73
CA SER A 40 0.01 -14.32 8.82
C SER A 40 1.03 -14.12 7.73
N VAL A 41 2.20 -14.67 7.91
CA VAL A 41 3.24 -14.69 6.93
C VAL A 41 2.75 -15.42 5.71
N ALA A 42 2.01 -16.51 5.79
CA ALA A 42 1.54 -17.20 4.62
C ALA A 42 0.67 -16.28 3.77
N GLN A 43 -0.21 -15.48 4.38
CA GLN A 43 -1.06 -14.58 3.62
C GLN A 43 -0.27 -13.49 2.98
N LEU A 44 0.75 -12.99 3.66
CA LEU A 44 1.60 -11.95 3.09
C LEU A 44 2.40 -12.50 1.97
N ALA A 45 3.00 -13.68 2.10
CA ALA A 45 3.78 -14.30 1.04
C ALA A 45 2.94 -14.58 -0.15
N ALA A 46 1.67 -14.97 -0.01
CA ALA A 46 0.82 -15.22 -1.13
C ALA A 46 0.58 -13.95 -1.88
N ALA A 47 0.39 -12.83 -1.23
CA ALA A 47 0.23 -11.57 -1.95
C ALA A 47 1.48 -11.22 -2.67
N ILE A 48 2.62 -11.28 -2.07
CA ILE A 48 3.87 -11.01 -2.74
C ILE A 48 4.03 -11.83 -3.99
N ALA A 49 3.70 -13.11 -3.93
CA ALA A 49 3.93 -14.02 -5.05
C ALA A 49 3.03 -13.61 -6.20
N GLU A 50 1.84 -13.07 -6.00
CA GLU A 50 1.01 -12.75 -7.12
C GLU A 50 1.06 -11.30 -7.51
N ARG A 51 1.93 -10.51 -6.89
CA ARG A 51 2.01 -9.08 -7.16
C ARG A 51 3.41 -8.76 -7.66
N ARG A 52 3.69 -7.47 -7.80
CA ARG A 52 5.01 -7.02 -8.21
C ARG A 52 5.52 -5.90 -7.34
N GLY A 53 6.82 -5.72 -7.27
CA GLY A 53 7.36 -4.49 -6.70
C GLY A 53 7.34 -4.45 -5.19
N SER A 54 7.28 -5.59 -4.52
CA SER A 54 7.18 -5.58 -3.06
C SER A 54 8.49 -5.04 -2.48
N THR A 55 8.34 -3.96 -1.70
CA THR A 55 9.43 -3.10 -1.28
C THR A 55 9.23 -2.76 0.21
N VAL A 56 10.34 -2.73 0.92
CA VAL A 56 10.34 -2.31 2.29
C VAL A 56 11.07 -0.97 2.44
N ALA A 57 10.64 -0.18 3.42
CA ALA A 57 11.36 1.02 3.88
C ALA A 57 12.02 0.71 5.19
N VAL A 58 13.26 1.14 5.30
CA VAL A 58 14.10 0.85 6.46
C VAL A 58 14.62 2.12 7.11
N HIS A 59 14.60 2.17 8.43
CA HIS A 59 15.23 3.27 9.21
C HIS A 59 15.95 2.69 10.42
N ASP A 60 17.21 3.03 10.57
CA ASP A 60 18.01 2.64 11.74
C ASP A 60 17.89 1.15 12.01
N GLY A 61 18.02 0.38 10.93
CA GLY A 61 17.99 -1.07 11.04
C GLY A 61 16.63 -1.72 11.20
N GLN A 62 15.56 -0.94 11.14
N GLN A 62 15.56 -0.94 11.13
CA GLN A 62 14.24 -1.48 11.33
CA GLN A 62 14.22 -1.44 11.35
C GLN A 62 13.45 -1.37 10.04
C GLN A 62 13.43 -1.36 10.05
N VAL A 63 12.77 -2.46 9.67
CA VAL A 63 11.80 -2.40 8.57
C VAL A 63 10.55 -1.71 9.15
N LEU A 64 10.18 -0.56 8.56
CA LEU A 64 9.05 0.24 9.01
C LEU A 64 7.89 0.38 8.06
N GLY A 65 8.10 -0.01 6.81
CA GLY A 65 7.06 0.09 5.83
C GLY A 65 7.17 -0.93 4.75
N PHE A 66 6.06 -1.17 4.10
CA PHE A 66 5.93 -2.16 3.03
C PHE A 66 4.87 -1.68 2.07
N ALA A 67 5.09 -1.94 0.77
CA ALA A 67 4.07 -1.73 -0.27
C ALA A 67 4.38 -2.60 -1.50
N ASN A 68 3.40 -2.70 -2.40
CA ASN A 68 3.61 -3.39 -3.67
C ASN A 68 2.58 -2.87 -4.67
N PHE A 69 2.60 -3.47 -5.86
CA PHE A 69 1.61 -3.16 -6.88
C PHE A 69 0.72 -4.39 -7.05
N TYR A 70 -0.60 -4.16 -7.03
CA TYR A 70 -1.53 -5.28 -7.36
C TYR A 70 -2.04 -5.23 -8.78
N GLN A 71 -1.79 -4.12 -9.46
CA GLN A 71 -2.00 -4.02 -10.94
C GLN A 71 -0.82 -3.31 -11.51
N TRP A 72 -0.43 -3.71 -12.71
CA TRP A 72 0.73 -3.13 -13.41
C TRP A 72 0.43 -3.31 -14.89
N GLN A 73 0.54 -2.23 -15.64
CA GLN A 73 0.26 -2.23 -17.07
C GLN A 73 1.31 -1.33 -17.68
N HIS A 74 2.26 -1.98 -18.35
CA HIS A 74 3.38 -1.28 -18.95
C HIS A 74 2.94 -0.17 -19.87
N GLY A 75 3.56 1.01 -19.70
CA GLY A 75 3.24 2.17 -20.48
C GLY A 75 1.99 2.88 -20.06
N ASP A 76 1.33 2.46 -18.95
CA ASP A 76 -0.01 2.89 -18.65
C ASP A 76 -0.03 3.32 -17.19
N PHE A 77 -0.20 2.37 -16.24
CA PHE A 77 -0.38 2.68 -14.82
C PHE A 77 0.09 1.52 -14.02
N CYS A 78 0.27 1.79 -12.71
CA CYS A 78 0.31 0.79 -11.65
C CYS A 78 -0.67 1.17 -10.58
N ALA A 79 -1.11 0.14 -9.85
CA ALA A 79 -2.02 0.33 -8.69
C ALA A 79 -1.32 -0.11 -7.44
N LEU A 80 -1.17 0.82 -6.51
N LEU A 80 -1.18 0.81 -6.50
CA LEU A 80 -0.44 0.57 -5.27
CA LEU A 80 -0.43 0.57 -5.27
C LEU A 80 -1.27 -0.13 -4.25
C LEU A 80 -1.26 -0.12 -4.24
N GLY A 81 -0.73 -1.17 -3.60
CA GLY A 81 -1.47 -1.88 -2.57
C GLY A 81 -0.57 -2.30 -1.44
N ASN A 82 -1.25 -2.93 -0.47
CA ASN A 82 -0.61 -3.48 0.73
C ASN A 82 0.28 -2.44 1.42
N MET A 83 -0.17 -1.21 1.52
CA MET A 83 0.60 -0.15 2.16
C MET A 83 0.48 -0.32 3.66
N MET A 84 1.57 -0.72 4.29
CA MET A 84 1.58 -1.04 5.71
C MET A 84 2.75 -0.30 6.37
N VAL A 85 2.51 0.17 7.58
CA VAL A 85 3.52 0.93 8.35
C VAL A 85 3.56 0.34 9.77
N ALA A 86 4.74 0.23 10.33
CA ALA A 86 4.92 -0.27 11.67
C ALA A 86 4.17 0.64 12.66
N PRO A 87 3.51 0.03 13.67
CA PRO A 87 2.76 0.80 14.60
C PRO A 87 3.53 1.78 15.44
N ALA A 88 4.81 1.56 15.65
CA ALA A 88 5.58 2.54 16.42
C ALA A 88 6.06 3.68 15.55
N ALA A 89 5.86 3.61 14.22
CA ALA A 89 6.34 4.60 13.31
C ALA A 89 5.24 5.31 12.48
N ARG A 90 4.03 5.38 13.00
CA ARG A 90 2.91 5.98 12.28
C ARG A 90 3.06 7.52 12.30
N GLY A 91 2.70 8.16 11.21
CA GLY A 91 2.73 9.61 11.16
C GLY A 91 4.08 10.29 11.06
N LEU A 92 5.13 9.51 10.81
CA LEU A 92 6.52 10.01 10.73
C LEU A 92 7.08 10.10 9.32
N GLY A 93 6.23 9.93 8.33
CA GLY A 93 6.65 10.08 6.94
C GLY A 93 7.01 8.81 6.21
N VAL A 94 6.83 7.66 6.83
CA VAL A 94 7.22 6.42 6.19
C VAL A 94 6.36 6.12 4.97
N ALA A 95 5.05 6.24 5.04
CA ALA A 95 4.20 5.97 3.88
C ALA A 95 4.47 6.99 2.80
N ARG A 96 4.59 8.24 3.14
CA ARG A 96 4.95 9.26 2.16
CA ARG A 96 4.91 9.24 2.13
C ARG A 96 6.24 8.92 1.38
N TYR A 97 7.27 8.52 2.11
CA TYR A 97 8.50 8.09 1.55
C TYR A 97 8.33 6.93 0.62
N LEU A 98 7.69 5.88 1.08
CA LEU A 98 7.56 4.66 0.30
C LEU A 98 6.67 4.90 -0.90
N ILE A 99 5.61 5.67 -0.78
CA ILE A 99 4.82 6.00 -1.97
C ILE A 99 5.69 6.70 -3.00
N GLY A 100 6.54 7.63 -2.61
CA GLY A 100 7.43 8.24 -3.59
C GLY A 100 8.38 7.28 -4.24
N VAL A 101 8.90 6.33 -3.49
CA VAL A 101 9.69 5.26 -4.06
C VAL A 101 8.91 4.45 -5.05
N MET A 102 7.70 4.10 -4.73
CA MET A 102 6.86 3.30 -5.62
C MET A 102 6.47 4.08 -6.86
N GLU A 103 6.21 5.37 -6.74
CA GLU A 103 5.99 6.20 -7.94
C GLU A 103 7.14 6.17 -8.91
N ASN A 104 8.46 6.34 -8.40
CA ASN A 104 9.58 6.21 -9.20
C ASN A 104 9.68 4.85 -9.79
N LEU A 105 9.39 3.79 -9.05
CA LEU A 105 9.46 2.45 -9.62
C LEU A 105 8.46 2.26 -10.76
N ALA A 106 7.25 2.73 -10.57
CA ALA A 106 6.23 2.66 -11.64
C ALA A 106 6.67 3.38 -12.90
N ARG A 107 7.25 4.56 -12.73
N ARG A 107 7.23 4.58 -12.74
CA ARG A 107 7.76 5.34 -13.90
CA ARG A 107 7.61 5.39 -13.92
C ARG A 107 8.87 4.61 -14.50
C ARG A 107 8.79 4.73 -14.56
N GLU A 108 9.87 4.21 -13.71
N GLU A 108 9.78 4.30 -13.78
CA GLU A 108 11.11 3.70 -14.32
CA GLU A 108 11.07 3.83 -14.38
C GLU A 108 10.97 2.32 -14.88
C GLU A 108 11.02 2.42 -14.95
N GLN A 109 10.36 1.40 -14.13
N GLN A 109 10.45 1.50 -14.17
CA GLN A 109 10.27 0.05 -14.56
CA GLN A 109 10.28 0.09 -14.58
C GLN A 109 9.09 -0.22 -15.48
C GLN A 109 9.10 -0.21 -15.49
N TYR A 110 7.96 0.40 -15.18
CA TYR A 110 6.74 0.09 -15.91
C TYR A 110 6.35 1.19 -16.90
N LYS A 111 7.10 2.27 -16.99
CA LYS A 111 6.81 3.38 -17.89
C LYS A 111 5.40 3.88 -17.65
N ALA A 112 4.94 3.83 -16.40
CA ALA A 112 3.59 4.25 -16.05
C ALA A 112 3.50 5.76 -16.17
N ARG A 113 2.36 6.21 -16.68
CA ARG A 113 1.98 7.60 -16.65
C ARG A 113 1.13 8.02 -15.48
N LEU A 114 0.60 7.01 -14.78
CA LEU A 114 -0.43 7.22 -13.73
C LEU A 114 -0.18 6.19 -12.62
N MET A 115 -0.37 6.65 -11.39
CA MET A 115 -0.54 5.74 -10.25
C MET A 115 -1.96 5.77 -9.77
N LYS A 116 -2.56 4.58 -9.62
CA LYS A 116 -3.89 4.42 -8.98
C LYS A 116 -3.70 3.98 -7.53
N ILE A 117 -4.49 4.60 -6.65
CA ILE A 117 -4.58 4.16 -5.24
C ILE A 117 -6.04 4.15 -4.95
N SER A 118 -6.53 3.05 -4.34
CA SER A 118 -7.90 2.95 -3.89
C SER A 118 -7.86 2.83 -2.36
N CYS A 119 -8.68 3.61 -1.70
CA CYS A 119 -8.67 3.72 -0.25
C CYS A 119 -10.10 3.60 0.28
N PHE A 120 -10.29 2.74 1.29
CA PHE A 120 -11.61 2.55 1.90
C PHE A 120 -12.02 3.77 2.67
N ASN A 121 -13.30 4.06 2.62
CA ASN A 121 -13.83 5.29 3.18
C ASN A 121 -13.50 5.54 4.62
N ALA A 122 -13.41 4.50 5.44
CA ALA A 122 -13.14 4.72 6.86
C ALA A 122 -11.73 5.13 7.17
N ASN A 123 -10.83 4.92 6.24
CA ASN A 123 -9.42 5.21 6.45
C ASN A 123 -9.14 6.70 6.15
N ALA A 124 -9.55 7.56 7.06
CA ALA A 124 -9.33 8.99 6.90
C ALA A 124 -7.88 9.37 6.76
N ALA A 125 -6.99 8.73 7.53
CA ALA A 125 -5.60 9.06 7.48
C ALA A 125 -5.05 8.79 6.09
N GLY A 126 -5.48 7.71 5.49
CA GLY A 126 -5.06 7.40 4.14
C GLY A 126 -5.61 8.38 3.12
N LEU A 127 -6.91 8.69 3.25
CA LEU A 127 -7.48 9.63 2.27
C LEU A 127 -6.75 10.95 2.31
N LEU A 128 -6.43 11.45 3.49
CA LEU A 128 -5.74 12.70 3.66
C LEU A 128 -4.28 12.66 3.18
N LEU A 129 -3.60 11.57 3.47
N LEU A 129 -3.60 11.57 3.48
CA LEU A 129 -2.25 11.44 2.95
CA LEU A 129 -2.24 11.35 2.98
C LEU A 129 -2.20 11.42 1.43
C LEU A 129 -2.18 11.39 1.46
N TYR A 130 -3.04 10.60 0.82
CA TYR A 130 -2.98 10.51 -0.61
C TYR A 130 -3.34 11.86 -1.19
N THR A 131 -4.30 12.59 -0.62
CA THR A 131 -4.61 13.93 -1.07
C THR A 131 -3.41 14.86 -0.95
N GLN A 132 -2.67 14.80 0.14
CA GLN A 132 -1.51 15.65 0.30
C GLN A 132 -0.48 15.33 -0.75
N LEU A 133 -0.39 14.09 -1.19
CA LEU A 133 0.59 13.66 -2.19
C LEU A 133 0.14 13.88 -3.60
N GLY A 134 -1.03 14.53 -3.75
CA GLY A 134 -1.44 14.93 -5.12
C GLY A 134 -2.39 14.00 -5.82
N TYR A 135 -2.87 12.97 -5.13
CA TYR A 135 -3.89 12.06 -5.69
C TYR A 135 -5.25 12.72 -5.64
N GLN A 136 -6.05 12.50 -6.67
CA GLN A 136 -7.40 13.06 -6.76
C GLN A 136 -8.40 11.93 -6.86
N PRO A 137 -9.59 12.12 -6.24
CA PRO A 137 -10.61 11.10 -6.33
C PRO A 137 -11.27 11.04 -7.67
N ARG A 138 -11.46 9.87 -8.19
CA ARG A 138 -12.05 9.73 -9.52
C ARG A 138 -13.38 9.00 -9.51
N ALA A 139 -13.54 8.00 -8.63
CA ALA A 139 -14.78 7.26 -8.57
C ALA A 139 -14.93 6.64 -7.17
N ILE A 140 -16.11 6.16 -6.91
CA ILE A 140 -16.45 5.47 -5.66
C ILE A 140 -17.11 4.19 -6.02
N ALA A 141 -16.56 3.07 -5.52
CA ALA A 141 -17.10 1.75 -5.78
C ALA A 141 -17.64 1.14 -4.53
N GLU A 142 -18.72 0.42 -4.63
CA GLU A 142 -19.26 -0.32 -3.48
CA GLU A 142 -19.27 -0.33 -3.48
C GLU A 142 -18.44 -1.60 -3.26
N ARG A 143 -18.10 -1.86 -2.01
CA ARG A 143 -17.45 -3.10 -1.63
C ARG A 143 -18.12 -3.54 -0.31
N HIS A 144 -17.77 -4.75 0.11
CA HIS A 144 -18.23 -5.25 1.40
CA HIS A 144 -18.21 -5.28 1.39
C HIS A 144 -17.05 -5.63 2.35
N ASP A 145 -17.31 -5.33 3.61
CA ASP A 145 -16.34 -5.60 4.62
C ASP A 145 -16.54 -7.04 5.17
N PRO A 146 -15.70 -7.50 6.11
CA PRO A 146 -15.79 -8.90 6.54
C PRO A 146 -17.07 -9.26 7.27
N ASP A 147 -17.83 -8.26 7.73
CA ASP A 147 -19.10 -8.47 8.41
C ASP A 147 -20.25 -8.37 7.41
N GLY A 148 -19.93 -8.26 6.13
CA GLY A 148 -20.99 -8.09 5.14
C GLY A 148 -21.57 -6.72 5.01
N ARG A 149 -20.95 -5.71 5.62
CA ARG A 149 -21.47 -4.37 5.61
C ARG A 149 -20.91 -3.65 4.36
N ARG A 150 -21.72 -2.76 3.82
CA ARG A 150 -21.35 -1.99 2.64
CA ARG A 150 -21.38 -1.96 2.66
C ARG A 150 -20.41 -0.86 3.04
N VAL A 151 -19.29 -0.80 2.27
CA VAL A 151 -18.29 0.26 2.40
C VAL A 151 -18.08 0.87 1.04
N ALA A 152 -17.42 2.01 1.05
CA ALA A 152 -17.15 2.79 -0.20
C ALA A 152 -15.70 2.80 -0.42
N LEU A 153 -15.27 2.34 -1.59
CA LEU A 153 -13.85 2.32 -1.97
C LEU A 153 -13.61 3.55 -2.87
N ILE A 154 -12.79 4.45 -2.39
N ILE A 154 -12.81 4.47 -2.37
CA ILE A 154 -12.54 5.72 -3.10
CA ILE A 154 -12.52 5.75 -3.07
C ILE A 154 -11.32 5.51 -3.97
C ILE A 154 -11.33 5.49 -3.97
N GLN A 155 -11.55 5.55 -5.28
CA GLN A 155 -10.53 5.22 -6.29
C GLN A 155 -9.92 6.54 -6.73
N MET A 156 -8.65 6.68 -6.47
CA MET A 156 -7.88 7.92 -6.68
C MET A 156 -6.75 7.64 -7.66
N ASP A 157 -6.24 8.72 -8.30
CA ASP A 157 -5.09 8.57 -9.13
C ASP A 157 -4.29 9.87 -9.19
N LYS A 158 -3.11 9.75 -9.81
CA LYS A 158 -2.16 10.88 -9.86
C LYS A 158 -1.28 10.66 -11.08
N PRO A 159 -1.08 11.71 -11.93
CA PRO A 159 -0.12 11.58 -13.01
C PRO A 159 1.30 11.53 -12.51
N LEU A 160 2.15 10.78 -13.15
CA LEU A 160 3.57 10.59 -12.67
C LEU A 160 4.57 11.42 -13.42
N GLU A 161 5.67 11.84 -12.78
CA GLU A 161 6.85 12.46 -13.47
C GLU A 161 8.03 12.64 -12.51
#